data_5WX9
#
_entry.id   5WX9
#
_cell.length_a   38.976
_cell.length_b   81.181
_cell.length_c   38.999
_cell.angle_alpha   90.00
_cell.angle_beta   120.04
_cell.angle_gamma   90.00
#
_symmetry.space_group_name_H-M   'P 1 21 1'
#
loop_
_entity.id
_entity.type
_entity.pdbx_description
1 polymer 'Ethylene-responsive transcription factor ERF096'
2 polymer 'GCC-box motif'
3 polymer 'GCC-box motif'
4 water water
#
loop_
_entity_poly.entity_id
_entity_poly.type
_entity_poly.pdbx_seq_one_letter_code
_entity_poly.pdbx_strand_id
1 'polypeptide(L)'
;MDQGGRGVGAEHGKYRGVRRRPWGKYAAEIRDSRKHGERVWLGTFDTAEEAARAYDQAAYSMRGQAAILNFPHEYNMGSG
VSSSTAMAGSSSASASASSSSRQVFEFEYLDDSVLEELLEEGEKPNKGKKK
;
A
2 'polydeoxyribonucleotide' (DT)(DA)(DG)(DC)(DC)(DG)(DC)(DC)(DA)(DG)(DC) B
3 'polydeoxyribonucleotide' (DG)(DC)(DT)(DG)(DG)(DC)(DG)(DG)(DC)(DT)(DA) C
#
loop_
_chem_comp.id
_chem_comp.type
_chem_comp.name
_chem_comp.formula
DA DNA linking 2'-DEOXYADENOSINE-5'-MONOPHOSPHATE 'C10 H14 N5 O6 P'
DC DNA linking 2'-DEOXYCYTIDINE-5'-MONOPHOSPHATE 'C9 H14 N3 O7 P'
DG DNA linking 2'-DEOXYGUANOSINE-5'-MONOPHOSPHATE 'C10 H14 N5 O7 P'
DT DNA linking THYMIDINE-5'-MONOPHOSPHATE 'C10 H15 N2 O8 P'
#
# COMPACT_ATOMS: atom_id res chain seq x y z
N MET A 1 8.97 12.80 0.03
CA MET A 1 7.82 12.38 -0.76
C MET A 1 8.18 12.70 -2.18
N ASP A 2 7.56 13.71 -2.77
CA ASP A 2 8.05 14.17 -4.07
C ASP A 2 9.52 14.56 -3.99
N GLN A 3 9.99 14.90 -2.79
CA GLN A 3 11.35 15.43 -2.59
C GLN A 3 12.46 14.55 -3.15
N GLY A 4 12.49 13.29 -2.77
CA GLY A 4 13.50 12.36 -3.26
C GLY A 4 13.43 12.25 -4.76
N GLY A 5 12.26 12.53 -5.33
CA GLY A 5 12.05 12.18 -6.72
C GLY A 5 12.48 13.12 -7.84
N ARG A 6 12.76 14.37 -7.51
CA ARG A 6 12.89 15.42 -8.53
C ARG A 6 13.90 15.12 -9.66
N GLY A 7 14.96 14.37 -9.32
CA GLY A 7 15.97 14.05 -10.33
C GLY A 7 15.36 13.30 -11.47
N VAL A 8 14.73 12.17 -11.16
CA VAL A 8 13.92 11.46 -12.13
C VAL A 8 12.81 12.38 -12.58
N GLY A 9 12.06 12.91 -11.62
CA GLY A 9 11.04 13.88 -11.96
C GLY A 9 10.30 14.42 -10.76
N ALA A 10 10.19 15.75 -10.69
CA ALA A 10 9.51 16.44 -9.62
C ALA A 10 8.20 15.74 -9.32
N GLU A 11 7.42 15.49 -10.37
CA GLU A 11 6.22 14.69 -10.22
C GLU A 11 5.92 13.95 -11.53
N HIS A 12 5.68 12.63 -11.50
CA HIS A 12 5.47 11.93 -12.77
C HIS A 12 4.58 10.67 -12.70
N GLY A 13 4.54 9.95 -13.80
CA GLY A 13 3.62 8.83 -13.98
C GLY A 13 3.63 7.79 -12.90
N LYS A 14 4.83 7.38 -12.47
CA LYS A 14 4.92 6.45 -11.35
C LYS A 14 4.52 7.13 -10.04
N TYR A 15 4.19 6.34 -9.04
CA TYR A 15 3.58 6.86 -7.81
C TYR A 15 4.60 7.21 -6.71
N ARG A 16 4.11 7.79 -5.62
CA ARG A 16 4.91 7.98 -4.42
C ARG A 16 5.10 6.63 -3.79
N GLY A 17 6.22 6.45 -3.11
CA GLY A 17 6.55 5.15 -2.53
C GLY A 17 7.16 4.15 -3.49
N VAL A 18 7.83 4.63 -4.54
CA VAL A 18 8.17 3.77 -5.66
C VAL A 18 9.54 4.05 -6.24
N ARG A 19 10.24 3.00 -6.66
CA ARG A 19 11.49 3.14 -7.37
C ARG A 19 11.46 2.41 -8.70
N ARG A 20 12.21 2.91 -9.69
CA ARG A 20 12.22 2.24 -10.98
C ARG A 20 13.59 1.78 -11.38
N ARG A 21 13.64 0.53 -11.83
CA ARG A 21 14.90 -0.07 -12.25
C ARG A 21 15.00 -0.11 -13.80
N PRO A 22 16.20 -0.38 -14.38
CA PRO A 22 16.28 -0.38 -15.85
C PRO A 22 15.39 -1.41 -16.54
N TRP A 23 15.16 -2.55 -15.90
CA TRP A 23 14.25 -3.57 -16.43
C TRP A 23 12.81 -3.12 -16.26
N GLY A 24 12.64 -2.25 -15.27
CA GLY A 24 11.33 -1.71 -14.94
C GLY A 24 10.73 -2.25 -13.65
N LYS A 25 11.42 -3.14 -12.94
CA LYS A 25 10.89 -3.66 -11.68
C LYS A 25 10.66 -2.49 -10.73
N TYR A 26 9.72 -2.65 -9.81
CA TYR A 26 9.33 -1.63 -8.85
C TYR A 26 9.64 -2.10 -7.42
N ALA A 27 9.99 -1.18 -6.53
CA ALA A 27 10.51 -1.59 -5.23
C ALA A 27 9.92 -0.82 -4.05
N ALA A 28 9.44 -1.57 -3.06
CA ALA A 28 8.80 -1.02 -1.85
C ALA A 28 9.71 -0.92 -0.63
N GLU A 29 9.94 0.30 -0.13
CA GLU A 29 10.76 0.51 1.06
C GLU A 29 10.19 1.66 1.91
N ILE A 30 10.34 1.64 3.22
CA ILE A 30 9.79 2.74 4.04
C ILE A 30 10.78 3.15 5.11
N ARG A 31 10.74 4.40 5.57
CA ARG A 31 11.53 4.70 6.76
C ARG A 31 10.62 5.34 7.77
N ASP A 32 11.16 5.46 8.97
CA ASP A 32 10.35 5.74 10.10
C ASP A 32 10.56 7.17 10.59
N SER A 33 9.47 7.89 10.89
CA SER A 33 9.55 9.21 11.53
C SER A 33 10.30 9.20 12.84
N ARG A 34 10.26 8.04 13.49
CA ARG A 34 10.59 7.87 14.88
C ARG A 34 11.95 7.27 15.06
N LYS A 35 12.44 6.58 14.04
CA LYS A 35 13.77 5.99 14.15
C LYS A 35 14.83 6.79 13.39
N HIS A 36 14.49 8.01 12.99
CA HIS A 36 15.40 8.94 12.32
C HIS A 36 15.89 8.46 10.94
N GLY A 37 15.02 7.84 10.17
CA GLY A 37 15.34 7.54 8.77
C GLY A 37 15.95 6.18 8.49
N GLU A 38 15.83 5.25 9.43
CA GLU A 38 16.30 3.88 9.20
C GLU A 38 15.34 3.22 8.25
N ARG A 39 15.86 2.34 7.40
CA ARG A 39 15.06 1.82 6.29
C ARG A 39 14.75 0.36 6.47
N VAL A 40 13.46 0.03 6.52
CA VAL A 40 13.04 -1.37 6.49
C VAL A 40 12.20 -1.62 5.26
N TRP A 41 12.37 -2.78 4.62
CA TRP A 41 11.81 -2.98 3.31
C TRP A 41 10.50 -3.75 3.32
N LEU A 42 9.42 -3.07 2.96
CA LEU A 42 8.11 -3.70 3.00
C LEU A 42 7.95 -4.78 1.97
N GLY A 43 8.49 -4.58 0.78
CA GLY A 43 8.49 -5.64 -0.23
C GLY A 43 8.96 -5.18 -1.62
N THR A 44 8.64 -5.98 -2.63
CA THR A 44 8.89 -5.61 -4.01
C THR A 44 7.70 -5.98 -4.87
N PHE A 45 7.26 -5.04 -5.72
CA PHE A 45 6.11 -5.19 -6.64
C PHE A 45 6.51 -4.88 -8.08
N ASP A 46 5.83 -5.45 -9.08
CA ASP A 46 6.01 -4.99 -10.46
C ASP A 46 5.11 -3.80 -10.61
N THR A 47 4.10 -3.79 -9.75
CA THR A 47 2.87 -3.07 -10.02
C THR A 47 2.86 -1.70 -9.41
N ALA A 48 2.43 -0.75 -10.22
CA ALA A 48 2.42 0.66 -9.87
C ALA A 48 1.12 1.06 -9.20
N GLU A 49 0.01 0.48 -9.63
CA GLU A 49 -1.28 0.80 -9.00
C GLU A 49 -1.38 0.22 -7.60
N GLU A 50 -0.99 -1.04 -7.44
CA GLU A 50 -0.96 -1.67 -6.11
C GLU A 50 0.29 -1.21 -5.38
N ALA A 51 1.23 -0.60 -6.10
CA ALA A 51 2.40 0.01 -5.45
C ALA A 51 2.01 0.95 -4.35
N ALA A 52 1.26 1.99 -4.70
CA ALA A 52 0.75 2.97 -3.73
C ALA A 52 0.13 2.29 -2.53
N ARG A 53 -0.42 1.11 -2.79
CA ARG A 53 -1.06 0.24 -1.82
C ARG A 53 -0.13 -0.56 -0.91
N ALA A 54 1.04 -0.91 -1.45
CA ALA A 54 2.06 -1.56 -0.65
C ALA A 54 2.47 -0.52 0.37
N TYR A 55 2.73 0.69 -0.11
CA TYR A 55 2.94 1.84 0.78
C TYR A 55 1.72 2.21 1.61
N ASP A 56 0.53 1.88 1.12
CA ASP A 56 -0.70 2.10 1.86
C ASP A 56 -0.59 1.43 3.21
N GLN A 57 -0.46 0.10 3.18
CA GLN A 57 -0.30 -0.71 4.40
C GLN A 57 0.71 -0.13 5.35
N ALA A 58 1.94 0.01 4.87
CA ALA A 58 3.01 0.63 5.66
C ALA A 58 2.66 1.97 6.26
N ALA A 59 1.99 2.82 5.49
CA ALA A 59 1.80 4.17 5.95
C ALA A 59 0.54 4.36 6.77
N TYR A 60 -0.48 3.50 6.58
CA TYR A 60 -1.55 3.46 7.57
C TYR A 60 -0.90 3.12 8.92
N SER A 61 0.03 2.18 8.88
CA SER A 61 0.71 1.71 10.08
C SER A 61 1.41 2.87 10.83
N MET A 62 2.11 3.76 10.10
CA MET A 62 3.07 4.69 10.74
C MET A 62 2.45 5.98 11.30
N ARG A 63 1.72 6.72 10.48
CA ARG A 63 1.07 7.92 10.99
C ARG A 63 0.13 7.56 12.11
N GLY A 64 -0.59 6.45 11.96
CA GLY A 64 -1.55 6.02 12.96
C GLY A 64 -2.98 6.49 12.69
N GLN A 65 -3.16 7.78 12.47
CA GLN A 65 -4.47 8.35 12.10
C GLN A 65 -4.39 9.42 11.04
N ALA A 66 -5.41 9.42 10.17
CA ALA A 66 -5.41 10.26 8.97
C ALA A 66 -4.17 9.99 8.16
N ALA A 67 -3.89 8.71 7.88
CA ALA A 67 -2.58 8.31 7.31
C ALA A 67 -2.32 9.03 5.99
N ILE A 68 -1.07 9.45 5.76
CA ILE A 68 -0.76 10.26 4.57
C ILE A 68 -0.49 9.39 3.37
N LEU A 69 -1.53 9.18 2.58
CA LEU A 69 -1.46 8.36 1.39
C LEU A 69 -2.20 9.07 0.26
N ASN A 70 -1.84 8.79 -0.99
CA ASN A 70 -2.71 9.17 -2.11
C ASN A 70 -4.06 8.46 -1.93
N PHE A 71 -5.10 8.89 -2.66
CA PHE A 71 -6.50 8.35 -2.67
C PHE A 71 -7.30 8.30 -1.36
N PRO A 72 -8.64 8.18 -1.48
CA PRO A 72 -9.52 8.26 -0.33
C PRO A 72 -10.48 7.09 -0.04
N HIS A 73 -10.39 5.96 -0.73
CA HIS A 73 -11.39 4.89 -0.52
C HIS A 73 -11.41 4.32 0.90
N GLU A 74 -12.56 4.44 1.56
CA GLU A 74 -12.76 3.88 2.89
C GLU A 74 -13.63 2.64 2.75
N TYR A 75 -13.30 1.51 3.39
CA TYR A 75 -14.19 0.34 3.20
C TYR A 75 -14.81 -0.13 4.52
N ASN A 76 -16.12 -0.36 4.41
CA ASN A 76 -16.93 -0.84 5.51
C ASN A 76 -17.53 -2.16 5.11
N MET A 77 -17.54 -3.11 6.03
CA MET A 77 -18.01 -4.45 5.71
C MET A 77 -19.21 -4.75 6.62
N GLY A 78 -20.33 -5.12 5.99
CA GLY A 78 -21.53 -5.43 6.76
C GLY A 78 -22.36 -6.58 6.22
N SER A 79 -23.07 -7.29 7.09
CA SER A 79 -23.09 -7.00 8.53
C SER A 79 -21.84 -7.57 9.18
N GLY A 80 -21.37 -8.68 8.62
CA GLY A 80 -20.28 -9.43 9.20
C GLY A 80 -18.83 -9.04 8.94
N VAL A 81 -17.81 -9.89 9.16
CA VAL A 81 -17.73 -11.36 9.46
C VAL A 81 -18.45 -12.31 8.47
N SER A 82 -19.64 -11.98 8.00
CA SER A 82 -20.40 -12.85 7.10
C SER A 82 -20.58 -12.19 5.72
N SER A 83 -19.66 -11.31 5.34
CA SER A 83 -19.89 -10.51 4.16
C SER A 83 -19.25 -11.06 2.90
N SER A 84 -19.80 -12.16 2.40
CA SER A 84 -19.40 -12.67 1.09
C SER A 84 -19.84 -11.70 -0.01
N THR A 85 -20.99 -11.05 0.17
CA THR A 85 -21.52 -10.13 -0.84
C THR A 85 -20.53 -9.00 -1.07
N ALA A 86 -19.98 -8.48 0.01
CA ALA A 86 -19.10 -7.31 -0.05
C ALA A 86 -17.73 -7.64 -0.62
N MET A 87 -17.23 -8.84 -0.33
CA MET A 87 -15.98 -9.30 -0.93
C MET A 87 -16.12 -9.37 -2.43
N ALA A 88 -17.12 -10.12 -2.87
CA ALA A 88 -17.34 -10.35 -4.28
C ALA A 88 -17.75 -9.05 -5.01
N GLY A 89 -18.65 -8.28 -4.41
CA GLY A 89 -19.14 -7.05 -5.01
C GLY A 89 -18.01 -6.00 -5.18
N SER A 90 -17.28 -5.69 -4.11
CA SER A 90 -16.18 -4.72 -4.16
C SER A 90 -15.04 -5.15 -5.08
N SER A 91 -14.74 -6.44 -5.05
CA SER A 91 -13.68 -7.03 -5.86
C SER A 91 -14.00 -6.95 -7.33
N SER A 92 -15.24 -7.28 -7.65
CA SER A 92 -15.67 -7.29 -9.05
C SER A 92 -16.35 -5.98 -9.42
N ALA A 93 -15.81 -5.27 -10.44
CA ALA A 93 -14.71 -5.79 -11.23
C ALA A 93 -13.45 -4.93 -11.17
N SER A 94 -12.49 -5.35 -10.36
CA SER A 94 -11.24 -4.59 -10.23
C SER A 94 -10.05 -5.41 -10.70
N ALA A 95 -9.31 -4.92 -11.70
CA ALA A 95 -8.26 -5.77 -12.25
C ALA A 95 -7.18 -5.00 -12.95
N SER A 96 -5.97 -5.55 -12.88
CA SER A 96 -4.85 -5.13 -13.67
C SER A 96 -4.41 -6.33 -14.51
N ALA A 97 -4.34 -6.13 -15.82
CA ALA A 97 -4.15 -7.24 -16.76
C ALA A 97 -2.79 -7.93 -16.66
N SER A 98 -1.72 -7.14 -16.64
CA SER A 98 -0.38 -7.67 -16.65
C SER A 98 0.00 -8.25 -15.29
N SER A 99 -0.11 -7.41 -14.25
CA SER A 99 0.41 -7.80 -12.94
C SER A 99 -0.32 -8.86 -12.15
N SER A 100 -1.62 -8.71 -11.99
CA SER A 100 -2.37 -9.71 -11.23
C SER A 100 -2.22 -11.09 -11.85
N SER A 101 -2.12 -11.14 -13.17
CA SER A 101 -2.03 -12.40 -13.92
C SER A 101 -0.80 -13.26 -13.62
N ARG A 102 0.12 -12.78 -12.79
CA ARG A 102 1.36 -13.53 -12.46
C ARG A 102 1.08 -14.95 -11.96
N GLN A 103 -0.13 -15.09 -11.41
CA GLN A 103 -0.77 -16.34 -10.90
C GLN A 103 -0.56 -16.39 -9.38
N VAL A 104 -1.25 -17.34 -8.74
CA VAL A 104 -1.52 -17.45 -7.29
C VAL A 104 -1.89 -16.17 -6.54
N PHE A 105 -1.26 -15.04 -6.83
CA PHE A 105 -1.62 -13.81 -6.15
C PHE A 105 -2.88 -13.23 -6.73
N GLU A 106 -3.47 -13.97 -7.67
CA GLU A 106 -4.80 -13.68 -8.13
C GLU A 106 -5.75 -13.97 -7.00
N PHE A 107 -5.55 -15.12 -6.36
CA PHE A 107 -6.45 -15.63 -5.32
C PHE A 107 -6.61 -14.64 -4.18
N GLU A 108 -5.51 -14.03 -3.79
CA GLU A 108 -5.47 -13.11 -2.67
C GLU A 108 -6.01 -11.74 -3.07
N TYR A 109 -5.84 -11.34 -4.33
CA TYR A 109 -6.41 -10.05 -4.75
C TYR A 109 -7.88 -10.18 -5.17
N LEU A 110 -8.24 -11.28 -5.80
CA LEU A 110 -9.59 -11.43 -6.36
C LEU A 110 -10.69 -11.38 -5.31
N ASP A 111 -10.52 -12.02 -4.16
CA ASP A 111 -11.58 -11.88 -3.15
C ASP A 111 -11.52 -10.49 -2.53
N ASP A 112 -10.32 -10.03 -2.15
CA ASP A 112 -10.21 -8.68 -1.61
C ASP A 112 -8.77 -8.12 -1.67
N SER A 113 -8.62 -6.81 -1.76
CA SER A 113 -9.76 -5.90 -1.76
C SER A 113 -9.63 -4.82 -2.82
N VAL A 114 -9.04 -3.71 -2.39
CA VAL A 114 -8.34 -2.69 -3.19
C VAL A 114 -7.70 -1.81 -2.17
N LEU A 115 -8.43 -1.48 -1.10
CA LEU A 115 -7.81 -0.69 -0.02
C LEU A 115 -8.21 -1.21 1.38
N GLU A 116 -7.21 -1.43 2.25
CA GLU A 116 -7.49 -2.19 3.50
C GLU A 116 -7.30 -1.38 4.77
N GLU A 117 -7.94 -1.78 5.88
CA GLU A 117 -7.75 -1.05 7.15
C GLU A 117 -6.84 -1.84 8.10
N LEU A 118 -5.59 -1.41 8.24
CA LEU A 118 -4.74 -2.08 9.20
C LEU A 118 -4.25 -1.17 10.30
N LEU A 119 -3.88 -1.75 11.43
CA LEU A 119 -3.60 -0.93 12.59
C LEU A 119 -2.22 -1.22 13.23
N GLU A 120 -1.50 -0.12 13.48
CA GLU A 120 -0.19 -0.01 14.13
C GLU A 120 0.70 -1.24 13.95
N GLU A 121 0.91 -1.62 12.70
CA GLU A 121 1.89 -2.66 12.44
C GLU A 121 3.22 -2.13 12.92
N GLY A 122 3.38 -0.83 12.78
CA GLY A 122 4.61 -0.15 13.14
C GLY A 122 4.98 -0.13 14.62
N GLU A 123 4.01 -0.07 15.52
CA GLU A 123 4.37 0.08 16.94
C GLU A 123 4.10 -1.12 17.81
N LYS A 124 4.97 -1.27 18.81
CA LYS A 124 4.90 -2.37 19.76
C LYS A 124 4.54 -1.78 21.07
N PRO A 125 3.39 -2.19 21.66
CA PRO A 125 3.14 -1.75 23.04
C PRO A 125 4.25 -2.27 23.96
N ASN A 126 4.82 -1.38 24.77
CA ASN A 126 4.23 -0.05 24.93
C ASN A 126 4.92 1.12 24.26
N LYS A 127 4.24 1.82 23.35
CA LYS A 127 4.86 3.02 22.76
C LYS A 127 3.91 4.19 22.57
N GLY A 128 3.71 4.97 23.63
CA GLY A 128 2.75 6.08 23.54
C GLY A 128 3.37 7.42 23.92
N LYS A 129 3.43 8.35 22.98
CA LYS A 129 3.07 8.03 21.60
C LYS A 129 4.22 8.37 20.64
N LYS A 130 3.91 8.28 19.36
CA LYS A 130 4.88 8.42 18.30
C LYS A 130 5.38 9.83 18.03
N LYS A 131 6.53 9.85 17.34
CA LYS A 131 7.15 11.01 16.64
C LYS A 131 8.65 10.79 16.80
#